data_5AC2
#
_entry.id   5AC2
#
_cell.length_a   109.123
_cell.length_b   109.123
_cell.length_c   83.175
_cell.angle_alpha   90.00
_cell.angle_beta   90.00
_cell.angle_gamma   90.00
#
_symmetry.space_group_name_H-M   'P 4 2 2'
#
loop_
_entity.id
_entity.type
_entity.pdbx_description
1 polymer 'RETINAL DEHYDROGENASE 1'
2 non-polymer 1-[(1S)-1-methyl-5-oxidanyl-1,2-dihydrobenzo[e]indol-3-yl]hexan-1-one
3 non-polymer 'YTTERBIUM (III) ION'
4 non-polymer '[[(2R,3S,4R,5R)-5-[(3R)-3-aminocarbonyl-3,4-dihydro-2H-pyridin-1-yl]-3,4-bis(oxidanyl)oxolan-2-yl]methoxy-oxidanidyl-ph osphoryl] [(2R,3S,4R,5R)-5-(6-aminopurin-9-yl)-3,4-bis(oxidanyl)oxolan-2-yl]methyl phosphate'
5 water water
#
_entity_poly.entity_id   1
_entity_poly.type   'polypeptide(L)'
_entity_poly.pdbx_seq_one_letter_code
;MSSSGTPDLPVLLTDLKIQYTKIFINNEWHDSVSGKKFPVFNPATEEELCQVEEGDKEDVDKAVKAARQAFQIGSPWRTM
DASERGRLLYKLADLIERDRLLLATMESMNGGKLYSNAYLNDLAGCIKTLRYCAGWADKIQGRTIPIDGNFFTYTRHEPI
GVCGQIIPWNFPLVMLIWKIGPALSCGNTVVVKPAEQTPLTALHVASLIKEAGFPPGVVNIVPGYGPTAGAAISSHMDID
KVAFTGSTEVGKLIKEAAGKSNLKRVTLELGGKSPCIVLADADLDNAVEFAHHGVFYHQGQCCIAASRIFVEESIYDEFV
RRSVERAKKYILGNPLTPGVTQGPQIDKEQYDKILDLIESGKKEGAKLECGGGPWGNKGYFVQPTVFSNVTDEMRIAKEE
IFGPVQQIMKFKSLDDVIKRANNTFYGLSAGVFTKDIDKAITISSALQAGTVWVNCYGVVSAQCPFGGFKMSGNGRELGE
YGFHEYTEVKTVTVKISQKNS
;
_entity_poly.pdbx_strand_id   A
#
loop_
_chem_comp.id
_chem_comp.type
_chem_comp.name
_chem_comp.formula
K9P non-polymer 1-[(1S)-1-methyl-5-oxidanyl-1,2-dihydrobenzo[e]indol-3-yl]hexan-1-one 'C19 H23 N O2'
TXE non-polymer '[[(2R,3S,4R,5R)-5-[(3R)-3-aminocarbonyl-3,4-dihydro-2H-pyridin-1-yl]-3,4-bis(oxidanyl)oxolan-2-yl]methoxy-oxidanidyl-ph osphoryl] [(2R,3S,4R,5R)-5-(6-aminopurin-9-yl)-3,4-bis(oxidanyl)oxolan-2-yl]methyl phosphate' 'C21 H31 N7 O14 P2'
YB non-polymer 'YTTERBIUM (III) ION' 'Yb 3'
#
# COMPACT_ATOMS: atom_id res chain seq x y z
N ASP A 8 24.09 -8.60 0.61
CA ASP A 8 25.00 -7.42 0.43
C ASP A 8 24.31 -6.17 -0.08
N LEU A 9 24.83 -5.20 0.06
CA LEU A 9 24.07 -3.96 0.09
C LEU A 9 24.90 -2.80 -0.47
N PRO A 10 24.89 -2.41 -1.45
CA PRO A 10 25.61 -1.28 -2.06
C PRO A 10 24.96 0.05 -1.83
N VAL A 11 25.75 1.11 -2.03
CA VAL A 11 25.28 2.48 -1.84
C VAL A 11 25.63 3.40 -3.00
N LEU A 12 24.94 4.53 -3.04
CA LEU A 12 25.20 5.57 -3.99
C LEU A 12 26.57 6.19 -3.64
N LEU A 13 27.50 6.16 -4.59
CA LEU A 13 28.84 6.76 -4.45
C LEU A 13 28.84 8.30 -4.47
N THR A 14 27.74 8.91 -4.87
CA THR A 14 27.64 10.37 -4.87
C THR A 14 26.40 10.84 -4.12
N ASP A 15 26.38 12.11 -3.77
CA ASP A 15 25.29 12.63 -2.99
C ASP A 15 24.09 12.92 -3.85
N LEU A 16 22.95 12.47 -3.36
CA LEU A 16 21.76 12.50 -4.14
C LEU A 16 21.47 13.91 -4.50
N LYS A 17 21.19 14.15 -5.77
CA LYS A 17 20.75 15.47 -6.20
C LYS A 17 19.34 15.38 -6.73
N ILE A 18 18.46 16.22 -6.26
CA ILE A 18 17.08 16.13 -6.66
C ILE A 18 16.85 16.90 -7.96
N GLN A 19 16.17 16.28 -8.90
CA GLN A 19 15.96 16.88 -10.19
C GLN A 19 14.50 17.07 -10.55
N TYR A 20 13.66 16.08 -10.29
CA TYR A 20 12.32 16.17 -10.79
C TYR A 20 11.44 16.60 -9.68
N THR A 21 10.79 17.76 -9.87
CA THR A 21 9.96 18.42 -8.86
C THR A 21 8.72 19.05 -9.47
N LYS A 22 8.39 18.70 -10.72
CA LYS A 22 7.23 19.30 -11.36
C LYS A 22 6.11 18.31 -11.62
N ILE A 23 4.97 18.85 -12.00
CA ILE A 23 3.79 18.10 -12.41
C ILE A 23 4.11 17.44 -13.76
N PHE A 24 3.68 16.17 -13.93
CA PHE A 24 4.02 15.31 -15.12
C PHE A 24 2.70 14.99 -15.82
N ILE A 25 2.44 15.72 -16.91
CA ILE A 25 1.23 15.58 -17.77
C ILE A 25 1.64 15.52 -19.24
N ASN A 26 1.08 14.59 -20.01
CA ASN A 26 1.47 14.33 -21.40
C ASN A 26 2.96 14.20 -21.61
N ASN A 27 3.62 13.49 -20.69
CA ASN A 27 5.09 13.28 -20.68
C ASN A 27 5.94 14.59 -20.66
N GLU A 28 5.38 15.68 -20.17
CA GLU A 28 6.16 16.90 -20.01
C GLU A 28 6.02 17.49 -18.59
N TRP A 29 6.95 18.35 -18.23
CA TRP A 29 6.99 18.86 -16.87
C TRP A 29 6.33 20.22 -16.81
N HIS A 30 5.34 20.35 -15.96
CA HIS A 30 4.53 21.54 -15.89
C HIS A 30 4.72 22.14 -14.52
N ASP A 31 4.59 23.45 -14.49
CA ASP A 31 4.51 24.18 -13.26
C ASP A 31 3.05 24.15 -12.90
N SER A 32 2.74 24.50 -11.67
CA SER A 32 1.39 24.52 -11.23
C SER A 32 0.64 25.65 -11.88
N VAL A 33 -0.64 25.47 -12.13
CA VAL A 33 -1.42 26.55 -12.72
C VAL A 33 -1.28 27.78 -11.79
N SER A 34 -1.38 27.56 -10.48
CA SER A 34 -1.34 28.65 -9.50
C SER A 34 0.04 29.33 -9.34
N GLY A 35 1.12 28.63 -9.72
CA GLY A 35 2.47 29.13 -9.53
C GLY A 35 3.00 28.66 -8.18
N LYS A 36 2.10 28.14 -7.35
CA LYS A 36 2.43 27.71 -6.00
C LYS A 36 3.30 26.49 -5.97
N LYS A 37 4.06 26.40 -4.91
CA LYS A 37 4.93 25.30 -4.67
C LYS A 37 4.81 24.90 -3.23
N PHE A 38 5.24 23.70 -2.87
CA PHE A 38 5.14 23.26 -1.49
C PHE A 38 6.41 22.57 -1.05
N PRO A 39 6.70 22.61 0.26
CA PRO A 39 7.99 22.08 0.68
C PRO A 39 7.92 20.56 0.94
N VAL A 40 9.05 19.88 0.86
CA VAL A 40 9.13 18.50 1.15
C VAL A 40 10.25 18.26 2.14
N PHE A 41 9.98 17.52 3.24
CA PHE A 41 10.97 17.35 4.34
C PHE A 41 11.59 15.99 4.45
N ASN A 42 12.72 15.98 5.14
CA ASN A 42 13.31 14.75 5.59
C ASN A 42 12.78 14.54 7.04
N PRO A 43 12.13 13.39 7.32
CA PRO A 43 11.59 13.17 8.71
C PRO A 43 12.62 12.85 9.82
N ALA A 44 13.77 12.34 9.43
CA ALA A 44 14.87 12.08 10.36
C ALA A 44 15.62 13.36 10.82
N THR A 45 15.46 14.47 10.09
CA THR A 45 16.14 15.73 10.44
C THR A 45 15.21 16.94 10.64
N GLU A 46 14.00 16.89 10.08
CA GLU A 46 13.03 17.99 10.03
C GLU A 46 13.46 19.16 9.12
N GLU A 47 14.41 18.90 8.26
CA GLU A 47 14.86 19.81 7.23
C GLU A 47 14.17 19.66 5.88
N GLU A 48 13.86 20.78 5.23
CA GLU A 48 13.48 20.83 3.82
C GLU A 48 14.48 20.20 2.92
N LEU A 49 13.99 19.36 2.00
CA LEU A 49 14.79 18.75 0.93
C LEU A 49 14.65 19.54 -0.39
N CYS A 50 13.45 20.08 -0.71
CA CYS A 50 13.24 20.88 -1.91
C CYS A 50 11.86 21.35 -1.86
N GLN A 51 11.49 22.12 -2.86
CA GLN A 51 10.13 22.49 -3.12
C GLN A 51 9.67 21.77 -4.36
N VAL A 52 8.37 21.59 -4.46
CA VAL A 52 7.73 20.79 -5.51
C VAL A 52 6.49 21.54 -5.96
N GLU A 53 6.17 21.47 -7.25
CA GLU A 53 4.99 22.18 -7.72
C GLU A 53 3.75 21.62 -7.04
N GLU A 54 2.86 22.51 -6.63
CA GLU A 54 1.71 22.10 -5.90
C GLU A 54 0.52 21.99 -6.80
N GLY A 55 0.00 20.78 -6.99
CA GLY A 55 -1.08 20.64 -7.93
C GLY A 55 -2.37 20.77 -7.25
N ASP A 56 -3.38 21.24 -7.93
CA ASP A 56 -4.68 21.48 -7.32
C ASP A 56 -5.74 21.12 -8.36
N LYS A 57 -7.00 21.44 -8.14
CA LYS A 57 -8.08 21.07 -9.06
C LYS A 57 -7.72 21.35 -10.54
N GLU A 58 -7.19 22.55 -10.79
CA GLU A 58 -6.85 22.99 -12.18
C GLU A 58 -5.85 22.00 -12.83
N ASP A 59 -4.86 21.55 -12.05
CA ASP A 59 -3.85 20.73 -12.56
C ASP A 59 -4.37 19.29 -12.77
N VAL A 60 -5.24 18.87 -11.87
CA VAL A 60 -5.90 17.58 -12.00
C VAL A 60 -6.79 17.64 -13.24
N ASP A 61 -7.45 18.78 -13.50
CA ASP A 61 -8.34 18.85 -14.69
C ASP A 61 -7.52 18.71 -16.00
N LYS A 62 -6.27 19.16 -15.95
CA LYS A 62 -5.32 19.01 -17.03
C LYS A 62 -4.86 17.57 -17.27
N ALA A 63 -4.54 16.91 -16.18
CA ALA A 63 -4.09 15.56 -16.26
C ALA A 63 -5.24 14.63 -16.70
N VAL A 64 -6.47 14.89 -16.25
CA VAL A 64 -7.61 14.08 -16.67
C VAL A 64 -7.87 14.22 -18.16
N LYS A 65 -7.83 15.44 -18.68
CA LYS A 65 -7.94 15.65 -20.11
C LYS A 65 -6.88 14.90 -20.92
N ALA A 66 -5.66 14.87 -20.41
CA ALA A 66 -4.57 14.17 -21.06
C ALA A 66 -4.77 12.64 -21.06
N ALA A 67 -5.10 12.10 -19.87
CA ALA A 67 -5.48 10.70 -19.73
C ALA A 67 -6.67 10.29 -20.58
N ARG A 68 -7.73 11.11 -20.62
CA ARG A 68 -8.85 10.84 -21.49
C ARG A 68 -8.42 10.75 -22.96
N GLN A 69 -7.53 11.63 -23.35
CA GLN A 69 -7.12 11.72 -24.72
C GLN A 69 -6.31 10.51 -25.08
N ALA A 70 -5.43 10.10 -24.20
CA ALA A 70 -4.58 8.96 -24.46
C ALA A 70 -5.42 7.65 -24.50
N PHE A 71 -6.60 7.67 -23.91
CA PHE A 71 -7.49 6.51 -23.87
C PHE A 71 -8.42 6.42 -25.08
N GLN A 72 -8.42 7.42 -25.96
CA GLN A 72 -9.44 7.50 -27.00
C GLN A 72 -9.27 6.33 -27.95
N ILE A 73 -10.37 5.83 -28.46
CA ILE A 73 -10.34 4.76 -29.46
C ILE A 73 -9.50 5.27 -30.59
N GLY A 74 -8.61 4.41 -31.09
CA GLY A 74 -7.72 4.81 -32.18
C GLY A 74 -6.38 5.33 -31.69
N SER A 75 -6.21 5.58 -30.40
CA SER A 75 -4.98 6.14 -29.92
C SER A 75 -3.91 5.09 -29.86
N PRO A 76 -2.64 5.53 -29.76
CA PRO A 76 -1.60 4.54 -29.65
C PRO A 76 -1.68 3.57 -28.47
N TRP A 77 -2.20 4.00 -27.30
CA TRP A 77 -2.28 3.11 -26.16
C TRP A 77 -3.43 2.09 -26.28
N ARG A 78 -4.48 2.46 -26.97
CA ARG A 78 -5.55 1.53 -27.22
C ARG A 78 -5.26 0.51 -28.34
N THR A 79 -4.53 0.92 -29.37
CA THR A 79 -4.27 0.04 -30.56
C THR A 79 -3.03 -0.81 -30.48
N MET A 80 -2.11 -0.50 -29.55
CA MET A 80 -0.88 -1.28 -29.53
C MET A 80 -1.18 -2.67 -29.07
N ASP A 81 -0.32 -3.60 -29.43
CA ASP A 81 -0.56 -4.96 -29.00
C ASP A 81 -0.52 -4.98 -27.47
N ALA A 82 -1.36 -5.80 -26.87
CA ALA A 82 -1.25 -6.03 -25.43
C ALA A 82 0.15 -6.49 -25.06
N SER A 83 0.86 -7.29 -25.90
CA SER A 83 2.20 -7.76 -25.57
C SER A 83 3.17 -6.59 -25.48
N GLU A 84 2.88 -5.50 -26.18
N GLU A 84 2.86 -5.49 -26.13
CA GLU A 84 3.73 -4.30 -26.18
CA GLU A 84 3.73 -4.33 -26.09
C GLU A 84 3.47 -3.43 -24.94
C GLU A 84 3.48 -3.46 -24.87
N ARG A 85 2.24 -3.42 -24.43
CA ARG A 85 1.99 -2.86 -23.10
C ARG A 85 2.86 -3.65 -22.09
N GLY A 86 2.87 -4.98 -22.21
CA GLY A 86 3.74 -5.81 -21.34
C GLY A 86 5.23 -5.47 -21.46
N ARG A 87 5.72 -5.37 -22.68
CA ARG A 87 7.09 -4.87 -22.93
C ARG A 87 7.44 -3.56 -22.28
N LEU A 88 6.57 -2.59 -22.41
CA LEU A 88 6.77 -1.27 -21.83
C LEU A 88 6.91 -1.40 -20.29
N LEU A 89 6.06 -2.20 -19.67
CA LEU A 89 6.18 -2.40 -18.27
C LEU A 89 7.43 -3.12 -17.85
N TYR A 90 7.83 -4.08 -18.65
CA TYR A 90 9.05 -4.79 -18.43
C TYR A 90 10.27 -3.87 -18.53
N LYS A 91 10.26 -3.00 -19.54
CA LYS A 91 11.32 -2.04 -19.69
C LYS A 91 11.37 -1.10 -18.46
N LEU A 92 10.24 -0.59 -18.03
CA LEU A 92 10.18 0.28 -16.83
C LEU A 92 10.78 -0.40 -15.64
N ALA A 93 10.54 -1.68 -15.52
CA ALA A 93 11.11 -2.45 -14.45
C ALA A 93 12.65 -2.53 -14.55
N ASP A 94 13.16 -2.70 -15.76
CA ASP A 94 14.60 -2.69 -15.98
C ASP A 94 15.17 -1.32 -15.69
N LEU A 95 14.46 -0.27 -16.02
CA LEU A 95 14.96 1.07 -15.73
C LEU A 95 15.02 1.39 -14.20
N ILE A 96 13.97 0.98 -13.51
CA ILE A 96 13.92 1.10 -12.09
C ILE A 96 15.05 0.27 -11.46
N GLU A 97 15.32 -0.91 -11.99
CA GLU A 97 16.42 -1.68 -11.52
C GLU A 97 17.77 -0.95 -11.76
N ARG A 98 17.91 -0.33 -12.93
CA ARG A 98 19.07 0.48 -13.24
C ARG A 98 19.29 1.63 -12.18
N ASP A 99 18.24 2.31 -11.79
CA ASP A 99 18.32 3.45 -10.91
C ASP A 99 17.91 3.03 -9.46
N ARG A 100 18.30 1.85 -9.05
CA ARG A 100 17.85 1.23 -7.83
C ARG A 100 18.55 1.91 -6.68
N LEU A 101 19.84 2.20 -6.85
CA LEU A 101 20.60 2.92 -5.79
C LEU A 101 20.01 4.26 -5.55
N LEU A 102 19.85 4.83 -6.47
CA LEU A 102 19.24 6.08 -6.44
C LEU A 102 17.87 6.02 -5.77
N LEU A 103 17.06 5.28 -6.31
CA LEU A 103 15.65 5.35 -5.90
C LEU A 103 15.54 4.97 -4.43
N ALA A 104 16.32 3.99 -4.05
CA ALA A 104 16.32 3.51 -2.71
C ALA A 104 16.80 4.64 -1.74
N THR A 105 17.66 5.52 -2.24
CA THR A 105 18.28 6.51 -1.38
C THR A 105 17.29 7.62 -1.15
N MET A 106 16.65 8.02 -2.24
CA MET A 106 15.62 9.04 -2.19
C MET A 106 14.41 8.55 -1.40
N GLU A 107 14.11 7.26 -1.52
CA GLU A 107 12.98 6.70 -0.76
C GLU A 107 13.29 6.80 0.74
N SER A 108 14.49 6.37 1.11
CA SER A 108 14.98 6.39 2.51
C SER A 108 14.98 7.80 3.06
N MET A 109 15.67 8.71 2.35
CA MET A 109 15.76 10.11 2.72
C MET A 109 14.44 10.88 2.85
N ASN A 110 13.54 10.71 1.89
CA ASN A 110 12.26 11.42 1.90
C ASN A 110 11.28 10.71 2.82
N GLY A 111 11.39 9.39 2.92
CA GLY A 111 10.31 8.58 3.54
C GLY A 111 10.59 8.13 4.96
N GLY A 112 11.87 8.26 5.36
CA GLY A 112 12.37 7.92 6.69
C GLY A 112 12.49 6.44 6.82
N LYS A 113 12.76 5.80 5.70
CA LYS A 113 12.74 4.38 5.62
C LYS A 113 14.14 3.91 5.67
N LEU A 114 14.42 2.87 6.47
CA LEU A 114 15.73 2.30 6.53
C LEU A 114 16.21 1.94 5.12
N TYR A 115 17.44 2.37 4.80
CA TYR A 115 17.98 2.16 3.47
C TYR A 115 18.12 0.66 3.15
N SER A 116 18.50 -0.12 4.14
CA SER A 116 18.58 -1.58 3.97
C SER A 116 17.28 -2.21 3.44
N ASN A 117 16.16 -1.79 4.03
CA ASN A 117 14.84 -2.22 3.61
C ASN A 117 14.46 -1.59 2.28
N ALA A 118 14.64 -0.26 2.18
CA ALA A 118 14.37 0.42 0.93
C ALA A 118 15.00 -0.28 -0.27
N TYR A 119 16.26 -0.68 -0.13
CA TYR A 119 17.01 -1.29 -1.20
C TYR A 119 16.68 -2.77 -1.43
N LEU A 120 16.71 -3.52 -0.36
CA LEU A 120 16.57 -4.97 -0.49
C LEU A 120 15.10 -5.40 -0.58
N ASN A 121 14.17 -4.63 0.02
CA ASN A 121 12.76 -5.02 0.01
CA ASN A 121 12.76 -5.00 0.04
C ASN A 121 11.91 -4.15 -0.88
N ASP A 122 11.81 -2.87 -0.61
CA ASP A 122 10.89 -2.04 -1.39
C ASP A 122 11.24 -2.07 -2.89
N LEU A 123 12.51 -1.87 -3.17
CA LEU A 123 12.95 -1.74 -4.53
C LEU A 123 12.77 -3.05 -5.26
N ALA A 124 13.14 -4.14 -4.61
CA ALA A 124 12.86 -5.46 -5.14
C ALA A 124 11.38 -5.73 -5.37
N GLY A 125 10.51 -5.34 -4.44
CA GLY A 125 9.08 -5.55 -4.61
C GLY A 125 8.51 -4.80 -5.79
N CYS A 126 8.99 -3.56 -5.99
N CYS A 126 9.03 -3.60 -5.94
CA CYS A 126 8.60 -2.75 -7.17
CA CYS A 126 8.70 -2.73 -7.01
C CYS A 126 8.97 -3.46 -8.46
C CYS A 126 9.01 -3.32 -8.41
N ILE A 127 10.23 -3.86 -8.54
CA ILE A 127 10.70 -4.55 -9.75
C ILE A 127 9.98 -5.87 -10.03
N LYS A 128 9.86 -6.70 -8.99
CA LYS A 128 9.14 -7.97 -9.10
C LYS A 128 7.67 -7.79 -9.44
N THR A 129 7.06 -6.77 -8.85
CA THR A 129 5.66 -6.51 -9.09
C THR A 129 5.45 -6.03 -10.48
N LEU A 130 6.31 -5.13 -10.97
CA LEU A 130 6.17 -4.70 -12.36
C LEU A 130 6.33 -5.89 -13.32
N ARG A 131 7.33 -6.75 -13.12
CA ARG A 131 7.51 -7.82 -14.07
C ARG A 131 6.34 -8.77 -14.06
N TYR A 132 5.81 -9.03 -12.87
CA TYR A 132 4.56 -9.80 -12.71
C TYR A 132 3.44 -9.20 -13.53
N CYS A 133 3.18 -7.94 -13.33
CA CYS A 133 2.10 -7.28 -14.09
C CYS A 133 2.33 -7.22 -15.63
N ALA A 134 3.58 -7.04 -16.03
CA ALA A 134 3.96 -7.06 -17.46
C ALA A 134 3.51 -8.40 -18.09
N GLY A 135 3.65 -9.48 -17.37
CA GLY A 135 3.30 -10.79 -17.86
C GLY A 135 1.82 -11.01 -18.10
N TRP A 136 0.97 -10.26 -17.41
CA TRP A 136 -0.44 -10.44 -17.50
C TRP A 136 -1.00 -9.83 -18.75
N ALA A 137 -0.30 -8.85 -19.30
CA ALA A 137 -0.90 -7.89 -20.18
C ALA A 137 -1.61 -8.59 -21.36
N ASP A 138 -0.93 -9.54 -21.96
CA ASP A 138 -1.53 -10.24 -23.13
C ASP A 138 -2.18 -11.58 -22.74
N LYS A 139 -2.49 -11.69 -21.45
CA LYS A 139 -3.11 -12.89 -20.91
C LYS A 139 -4.46 -12.54 -20.24
N ILE A 140 -4.90 -11.29 -20.39
CA ILE A 140 -6.21 -10.85 -19.97
C ILE A 140 -7.19 -11.19 -21.09
N GLN A 141 -8.18 -12.00 -20.76
CA GLN A 141 -8.99 -12.62 -21.77
C GLN A 141 -10.42 -12.57 -21.37
N GLY A 142 -11.29 -12.42 -22.36
CA GLY A 142 -12.73 -12.60 -22.15
C GLY A 142 -13.17 -14.05 -22.42
N ARG A 143 -14.46 -14.17 -22.70
CA ARG A 143 -15.12 -15.46 -22.82
C ARG A 143 -15.96 -15.54 -24.07
N THR A 144 -16.16 -16.74 -24.55
CA THR A 144 -17.19 -17.09 -25.48
C THR A 144 -18.13 -17.98 -24.69
N ILE A 145 -19.43 -17.74 -24.91
CA ILE A 145 -20.46 -18.09 -23.94
C ILE A 145 -21.62 -18.74 -24.67
N PRO A 146 -21.98 -19.97 -24.25
CA PRO A 146 -23.05 -20.73 -24.95
C PRO A 146 -24.48 -20.31 -24.51
N ILE A 147 -24.79 -19.06 -24.82
CA ILE A 147 -26.03 -18.45 -24.43
C ILE A 147 -27.24 -19.23 -24.99
N ASP A 148 -28.37 -19.22 -24.33
CA ASP A 148 -29.62 -19.63 -25.00
C ASP A 148 -29.93 -18.86 -26.33
N GLY A 149 -30.50 -19.56 -27.31
CA GLY A 149 -30.95 -18.98 -28.57
C GLY A 149 -29.85 -18.98 -29.62
N ASN A 150 -30.18 -18.54 -30.81
CA ASN A 150 -29.29 -18.58 -31.96
C ASN A 150 -28.45 -17.28 -32.03
N PHE A 151 -27.45 -17.21 -31.14
CA PHE A 151 -26.58 -16.05 -30.96
C PHE A 151 -25.18 -16.55 -30.76
N PHE A 152 -24.23 -15.71 -31.19
CA PHE A 152 -22.82 -15.76 -30.83
C PHE A 152 -22.61 -14.68 -29.79
N THR A 153 -22.18 -15.07 -28.58
CA THR A 153 -21.90 -14.17 -27.52
C THR A 153 -20.48 -14.33 -27.07
N TYR A 154 -19.78 -13.19 -26.96
CA TYR A 154 -18.45 -13.17 -26.40
C TYR A 154 -18.35 -11.95 -25.48
N THR A 155 -17.35 -11.95 -24.61
CA THR A 155 -17.11 -10.82 -23.79
C THR A 155 -15.70 -10.27 -24.03
N ARG A 156 -15.62 -8.94 -23.91
CA ARG A 156 -14.37 -8.21 -23.90
C ARG A 156 -14.09 -7.75 -22.49
N HIS A 157 -12.88 -7.95 -22.03
CA HIS A 157 -12.44 -7.41 -20.72
C HIS A 157 -11.65 -6.21 -21.10
N GLU A 158 -12.33 -5.13 -21.31
CA GLU A 158 -11.70 -3.86 -21.72
C GLU A 158 -11.06 -3.15 -20.51
N PRO A 159 -10.07 -2.27 -20.76
CA PRO A 159 -9.74 -1.36 -19.70
C PRO A 159 -10.96 -0.48 -19.37
N ILE A 160 -10.98 0.04 -18.17
CA ILE A 160 -12.02 0.92 -17.71
C ILE A 160 -11.93 2.29 -18.32
N GLY A 161 -10.80 2.92 -18.17
CA GLY A 161 -10.60 4.23 -18.68
C GLY A 161 -9.59 4.97 -17.85
N VAL A 162 -9.94 6.17 -17.46
CA VAL A 162 -9.05 7.01 -16.71
C VAL A 162 -9.23 6.70 -15.23
N CYS A 163 -8.16 6.22 -14.62
CA CYS A 163 -8.14 5.82 -13.23
C CYS A 163 -7.32 6.79 -12.39
N GLY A 164 -7.95 7.34 -11.36
CA GLY A 164 -7.25 8.22 -10.45
C GLY A 164 -6.79 7.42 -9.27
N GLN A 165 -5.53 7.57 -8.89
CA GLN A 165 -4.87 6.73 -7.95
C GLN A 165 -4.17 7.60 -6.90
N ILE A 166 -4.69 7.55 -5.67
CA ILE A 166 -4.19 8.37 -4.56
C ILE A 166 -3.46 7.44 -3.62
N ILE A 167 -2.20 7.74 -3.38
CA ILE A 167 -1.40 6.80 -2.66
C ILE A 167 -0.74 7.48 -1.46
N PRO A 168 -0.30 6.64 -0.50
CA PRO A 168 0.17 7.19 0.78
C PRO A 168 1.69 7.27 0.88
N TRP A 169 2.16 7.61 2.08
CA TRP A 169 3.60 7.97 2.33
C TRP A 169 4.44 6.85 2.91
N ASN A 170 3.80 5.76 3.29
CA ASN A 170 4.55 4.68 3.95
C ASN A 170 5.32 3.77 3.02
N PHE A 171 4.81 3.53 1.83
CA PHE A 171 5.53 2.70 0.83
C PHE A 171 5.31 3.42 -0.50
N PRO A 172 6.02 4.51 -0.69
CA PRO A 172 5.60 5.41 -1.82
C PRO A 172 5.83 4.74 -3.21
N LEU A 173 6.95 4.07 -3.35
CA LEU A 173 7.33 3.40 -4.55
C LEU A 173 6.54 2.12 -4.77
N VAL A 174 6.48 1.30 -3.75
CA VAL A 174 5.70 0.07 -3.86
C VAL A 174 4.25 0.35 -4.22
N MET A 175 3.67 1.33 -3.58
CA MET A 175 2.28 1.69 -3.81
C MET A 175 2.03 2.27 -5.19
N LEU A 176 2.95 3.08 -5.65
CA LEU A 176 2.85 3.62 -7.01
C LEU A 176 2.83 2.46 -8.00
N ILE A 177 3.75 1.52 -7.84
CA ILE A 177 3.80 0.32 -8.74
C ILE A 177 2.61 -0.65 -8.57
N TRP A 178 2.16 -0.83 -7.37
CA TRP A 178 0.89 -1.60 -7.14
C TRP A 178 -0.26 -1.03 -7.87
N LYS A 179 -0.31 0.31 -7.95
CA LYS A 179 -1.40 0.99 -8.62
C LYS A 179 -1.20 1.00 -10.16
N ILE A 180 -0.02 1.42 -10.64
CA ILE A 180 0.12 1.60 -12.06
C ILE A 180 0.29 0.28 -12.86
N GLY A 181 0.90 -0.69 -12.20
CA GLY A 181 1.30 -1.92 -12.83
C GLY A 181 0.06 -2.63 -13.38
N PRO A 182 -0.92 -2.92 -12.51
CA PRO A 182 -2.17 -3.53 -12.96
C PRO A 182 -2.96 -2.66 -13.91
N ALA A 183 -3.05 -1.38 -13.60
CA ALA A 183 -3.92 -0.45 -14.36
C ALA A 183 -3.42 -0.40 -15.80
N LEU A 184 -2.11 -0.24 -15.93
CA LEU A 184 -1.48 -0.16 -17.22
C LEU A 184 -1.48 -1.48 -17.96
N SER A 185 -1.18 -2.59 -17.27
CA SER A 185 -1.21 -3.91 -17.90
C SER A 185 -2.60 -4.14 -18.58
N CYS A 186 -3.67 -3.73 -17.89
CA CYS A 186 -5.01 -3.86 -18.42
C CYS A 186 -5.36 -2.84 -19.49
N GLY A 187 -4.57 -1.78 -19.64
CA GLY A 187 -4.79 -0.89 -20.74
C GLY A 187 -5.35 0.46 -20.38
N ASN A 188 -5.44 0.76 -19.08
CA ASN A 188 -6.01 1.99 -18.59
C ASN A 188 -4.95 3.10 -18.68
N THR A 189 -5.44 4.33 -18.51
CA THR A 189 -4.55 5.49 -18.28
C THR A 189 -4.75 5.95 -16.86
N VAL A 190 -3.76 6.64 -16.33
CA VAL A 190 -3.83 7.00 -14.89
C VAL A 190 -3.38 8.47 -14.57
N VAL A 191 -3.94 8.96 -13.48
CA VAL A 191 -3.62 10.23 -12.88
C VAL A 191 -3.34 9.83 -11.45
N VAL A 192 -2.07 9.90 -11.08
CA VAL A 192 -1.60 9.46 -9.79
C VAL A 192 -1.41 10.72 -8.87
N LYS A 193 -1.91 10.68 -7.65
CA LYS A 193 -1.59 11.72 -6.70
C LYS A 193 -0.79 11.19 -5.55
N PRO A 194 0.49 11.37 -5.61
CA PRO A 194 1.26 10.86 -4.47
C PRO A 194 1.01 11.69 -3.20
N ALA A 195 1.50 11.12 -2.10
CA ALA A 195 1.36 11.69 -0.76
C ALA A 195 2.17 13.00 -0.72
N GLU A 196 1.62 14.02 -0.06
CA GLU A 196 2.25 15.38 -0.02
C GLU A 196 3.59 15.25 0.65
N GLN A 197 3.70 14.32 1.57
CA GLN A 197 4.94 13.97 2.22
C GLN A 197 6.02 13.40 1.32
N THR A 198 5.65 12.65 0.30
CA THR A 198 6.60 11.82 -0.41
C THR A 198 6.31 11.79 -1.90
N PRO A 199 6.41 12.92 -2.55
CA PRO A 199 6.23 12.90 -4.00
C PRO A 199 7.46 12.52 -4.78
N LEU A 200 8.63 12.50 -4.16
CA LEU A 200 9.84 12.59 -4.95
C LEU A 200 10.16 11.30 -5.72
N THR A 201 10.00 10.11 -5.14
CA THR A 201 10.37 8.89 -5.90
C THR A 201 9.43 8.70 -7.12
N ALA A 202 8.20 9.12 -6.96
CA ALA A 202 7.21 9.01 -8.02
C ALA A 202 7.55 9.94 -9.21
N LEU A 203 8.11 11.12 -8.95
CA LEU A 203 8.46 12.02 -10.05
C LEU A 203 9.65 11.45 -10.74
N HIS A 204 10.52 10.79 -10.01
CA HIS A 204 11.63 10.22 -10.72
C HIS A 204 11.18 9.07 -11.62
N VAL A 205 10.24 8.27 -11.11
CA VAL A 205 9.67 7.18 -11.91
C VAL A 205 8.96 7.77 -13.12
N ALA A 206 8.24 8.88 -12.99
CA ALA A 206 7.72 9.52 -14.17
C ALA A 206 8.78 9.76 -15.27
N SER A 207 10.01 10.12 -14.88
CA SER A 207 11.07 10.33 -15.84
C SER A 207 11.40 9.03 -16.54
N LEU A 208 11.32 7.91 -15.83
CA LEU A 208 11.58 6.62 -16.40
C LEU A 208 10.44 6.09 -17.26
N ILE A 209 9.20 6.51 -16.98
CA ILE A 209 8.06 6.25 -17.84
C ILE A 209 8.25 6.93 -19.22
N LYS A 210 8.51 8.23 -19.20
CA LYS A 210 8.89 8.91 -20.43
C LYS A 210 10.06 8.21 -21.14
N GLU A 211 11.10 7.84 -20.44
CA GLU A 211 12.25 7.19 -21.09
C GLU A 211 11.97 5.78 -21.67
N ALA A 212 11.16 4.97 -21.00
CA ALA A 212 10.72 3.69 -21.54
C ALA A 212 9.94 3.77 -22.85
N GLY A 213 9.17 4.82 -23.02
CA GLY A 213 8.48 5.06 -24.26
C GLY A 213 6.97 5.06 -24.16
N PHE A 214 6.41 5.09 -22.96
CA PHE A 214 4.98 5.08 -22.82
C PHE A 214 4.40 6.25 -23.59
N PRO A 215 3.29 6.02 -24.31
CA PRO A 215 2.71 7.14 -24.96
C PRO A 215 2.35 8.28 -24.01
N PRO A 216 2.49 9.54 -24.47
CA PRO A 216 2.03 10.58 -23.55
C PRO A 216 0.59 10.56 -23.11
N GLY A 217 0.43 10.90 -21.84
CA GLY A 217 -0.86 10.96 -21.24
C GLY A 217 -1.29 9.60 -20.65
N VAL A 218 -0.50 8.54 -20.84
CA VAL A 218 -0.83 7.25 -20.26
C VAL A 218 -0.63 7.23 -18.73
N VAL A 219 0.45 7.88 -18.27
CA VAL A 219 0.68 8.10 -16.85
C VAL A 219 0.95 9.60 -16.59
N ASN A 220 0.14 10.19 -15.73
CA ASN A 220 0.27 11.56 -15.30
C ASN A 220 0.39 11.58 -13.81
N ILE A 221 1.25 12.42 -13.28
CA ILE A 221 1.53 12.44 -11.84
C ILE A 221 1.47 13.89 -11.38
N VAL A 222 0.54 14.13 -10.44
CA VAL A 222 0.20 15.42 -9.97
C VAL A 222 0.46 15.50 -8.46
N PRO A 223 1.70 15.87 -8.06
CA PRO A 223 1.94 16.13 -6.60
C PRO A 223 1.02 17.20 -6.06
N GLY A 224 0.78 17.11 -4.76
CA GLY A 224 -0.21 17.96 -4.10
C GLY A 224 -0.83 17.42 -2.85
N TYR A 225 -1.75 18.21 -2.28
CA TYR A 225 -2.39 17.87 -1.00
C TYR A 225 -3.68 17.07 -1.22
N GLY A 226 -4.21 16.55 -0.11
CA GLY A 226 -5.29 15.62 -0.13
C GLY A 226 -6.60 16.29 -0.40
N PRO A 227 -6.99 17.23 0.49
CA PRO A 227 -8.28 17.90 0.29
C PRO A 227 -8.31 18.84 -0.93
N THR A 228 -7.18 19.00 -1.61
CA THR A 228 -7.12 19.84 -2.80
C THR A 228 -7.09 18.98 -4.03
N ALA A 229 -5.92 18.41 -4.29
CA ALA A 229 -5.74 17.57 -5.44
C ALA A 229 -6.47 16.23 -5.29
N GLY A 230 -6.33 15.57 -4.13
CA GLY A 230 -7.02 14.30 -3.92
C GLY A 230 -8.52 14.42 -4.08
N ALA A 231 -9.09 15.45 -3.49
CA ALA A 231 -10.54 15.65 -3.59
C ALA A 231 -11.02 15.96 -5.00
N ALA A 232 -10.21 16.66 -5.75
CA ALA A 232 -10.57 16.96 -7.11
C ALA A 232 -10.61 15.64 -7.92
N ILE A 233 -9.77 14.65 -7.59
CA ILE A 233 -9.81 13.31 -8.28
C ILE A 233 -11.09 12.60 -7.91
N SER A 234 -11.38 12.49 -6.61
CA SER A 234 -12.50 11.71 -6.16
C SER A 234 -13.86 12.30 -6.64
N SER A 235 -13.93 13.60 -6.89
CA SER A 235 -15.18 14.22 -7.30
C SER A 235 -15.25 14.54 -8.83
N HIS A 236 -14.18 14.23 -9.55
CA HIS A 236 -14.09 14.53 -10.96
C HIS A 236 -15.12 13.79 -11.86
N MET A 237 -15.83 14.55 -12.68
CA MET A 237 -16.84 13.97 -13.58
C MET A 237 -16.35 13.12 -14.78
N ASP A 238 -15.05 13.05 -15.05
CA ASP A 238 -14.50 12.25 -16.16
C ASP A 238 -13.39 11.26 -15.77
N ILE A 239 -13.33 10.96 -14.49
CA ILE A 239 -12.47 9.91 -14.03
C ILE A 239 -13.40 8.71 -13.78
N ASP A 240 -13.08 7.58 -14.39
CA ASP A 240 -13.90 6.39 -14.35
C ASP A 240 -13.74 5.51 -13.10
N LYS A 241 -12.59 5.59 -12.46
CA LYS A 241 -12.27 4.76 -11.31
C LYS A 241 -11.30 5.46 -10.40
N VAL A 242 -11.47 5.31 -9.11
CA VAL A 242 -10.43 5.78 -8.17
C VAL A 242 -9.93 4.60 -7.34
N ALA A 243 -8.63 4.54 -7.15
CA ALA A 243 -8.05 3.63 -6.18
C ALA A 243 -7.28 4.41 -5.14
N PHE A 244 -7.35 3.91 -3.91
CA PHE A 244 -6.86 4.62 -2.72
C PHE A 244 -6.38 3.66 -1.67
N THR A 245 -5.22 4.00 -1.13
CA THR A 245 -4.68 3.42 0.07
C THR A 245 -4.38 4.55 1.09
N GLY A 246 -4.87 4.36 2.32
CA GLY A 246 -4.62 5.33 3.40
C GLY A 246 -5.63 5.19 4.52
N SER A 247 -6.16 6.31 4.97
CA SER A 247 -6.96 6.34 6.23
C SER A 247 -8.41 5.95 5.99
N THR A 248 -9.08 5.43 7.02
CA THR A 248 -10.50 5.10 6.93
CA THR A 248 -10.52 5.10 6.90
C THR A 248 -11.34 6.36 6.67
N GLU A 249 -10.92 7.45 7.31
CA GLU A 249 -11.60 8.74 7.21
C GLU A 249 -11.72 9.18 5.75
N VAL A 250 -10.59 9.21 5.08
CA VAL A 250 -10.53 9.65 3.69
C VAL A 250 -11.20 8.61 2.77
N GLY A 251 -10.98 7.32 3.03
CA GLY A 251 -11.69 6.27 2.30
C GLY A 251 -13.19 6.56 2.26
N LYS A 252 -13.80 6.90 3.40
CA LYS A 252 -15.20 7.28 3.42
C LYS A 252 -15.53 8.53 2.58
N LEU A 253 -14.74 9.59 2.71
CA LEU A 253 -14.90 10.78 1.88
C LEU A 253 -14.81 10.46 0.39
N ILE A 254 -13.79 9.70 0.03
CA ILE A 254 -13.60 9.33 -1.38
C ILE A 254 -14.87 8.62 -1.92
N LYS A 255 -15.38 7.69 -1.17
CA LYS A 255 -16.55 6.96 -1.57
C LYS A 255 -17.81 7.82 -1.69
N GLU A 256 -18.02 8.71 -0.75
CA GLU A 256 -19.16 9.59 -0.80
C GLU A 256 -19.05 10.47 -2.02
N ALA A 257 -17.88 11.07 -2.18
CA ALA A 257 -17.56 11.92 -3.33
C ALA A 257 -17.84 11.27 -4.67
N ALA A 258 -17.55 9.98 -4.74
CA ALA A 258 -17.73 9.19 -5.95
C ALA A 258 -19.19 8.99 -6.16
N GLY A 259 -19.93 8.69 -5.10
CA GLY A 259 -21.37 8.66 -5.21
C GLY A 259 -22.01 9.99 -5.66
N LYS A 260 -21.57 11.11 -5.07
CA LYS A 260 -22.13 12.45 -5.39
C LYS A 260 -21.84 12.93 -6.80
N SER A 261 -20.70 12.51 -7.34
CA SER A 261 -20.22 12.98 -8.62
C SER A 261 -20.70 12.15 -9.82
N ASN A 262 -19.94 11.11 -10.16
CA ASN A 262 -20.19 10.37 -11.41
C ASN A 262 -20.29 8.83 -11.26
N LEU A 263 -20.46 8.43 -10.01
CA LEU A 263 -20.56 7.03 -9.60
C LEU A 263 -19.35 6.25 -10.06
N LYS A 264 -18.20 6.89 -10.12
CA LYS A 264 -17.01 6.21 -10.50
C LYS A 264 -16.78 4.93 -9.69
N ARG A 265 -16.00 3.98 -10.22
CA ARG A 265 -15.67 2.77 -9.43
C ARG A 265 -14.68 3.12 -8.35
N VAL A 266 -14.81 2.49 -7.19
CA VAL A 266 -13.91 2.79 -6.06
C VAL A 266 -13.34 1.50 -5.47
N THR A 267 -12.04 1.43 -5.31
CA THR A 267 -11.40 0.43 -4.46
C THR A 267 -10.53 1.11 -3.40
N LEU A 268 -10.48 0.50 -2.22
CA LEU A 268 -9.89 1.10 -1.06
C LEU A 268 -9.05 0.04 -0.33
N GLU A 269 -7.90 0.43 0.19
CA GLU A 269 -7.21 -0.31 1.21
C GLU A 269 -6.95 0.66 2.39
N LEU A 270 -7.32 0.28 3.58
CA LEU A 270 -7.47 1.26 4.67
C LEU A 270 -6.88 0.86 6.01
N GLY A 271 -5.86 0.04 5.97
CA GLY A 271 -5.21 -0.39 7.19
C GLY A 271 -6.05 -1.39 7.96
N GLY A 272 -5.72 -1.51 9.24
CA GLY A 272 -6.33 -2.50 10.08
C GLY A 272 -5.90 -2.48 11.53
N LYS A 273 -6.35 -3.50 12.23
CA LYS A 273 -5.93 -3.79 13.59
C LYS A 273 -5.81 -5.29 13.64
N SER A 274 -4.83 -5.74 12.88
CA SER A 274 -4.69 -7.16 12.57
C SER A 274 -4.22 -8.03 13.74
N PRO A 275 -4.93 -9.15 13.97
CA PRO A 275 -4.61 -9.99 15.10
C PRO A 275 -3.83 -11.24 14.79
N CYS A 276 -2.98 -11.63 15.72
CA CYS A 276 -2.38 -12.96 15.73
C CYS A 276 -2.94 -13.76 16.87
N ILE A 277 -3.08 -15.06 16.63
CA ILE A 277 -3.55 -16.01 17.62
C ILE A 277 -2.46 -17.04 17.75
N VAL A 278 -1.87 -17.09 18.94
CA VAL A 278 -0.76 -18.06 19.17
C VAL A 278 -1.21 -19.15 20.13
N LEU A 279 -1.30 -20.39 19.64
CA LEU A 279 -1.82 -21.53 20.41
C LEU A 279 -0.70 -22.12 21.22
N ALA A 280 -1.04 -22.85 22.28
CA ALA A 280 0.01 -23.40 23.18
C ALA A 280 0.97 -24.30 22.45
N ASP A 281 0.53 -24.91 21.36
CA ASP A 281 1.39 -25.86 20.67
C ASP A 281 2.28 -25.22 19.64
N ALA A 282 2.22 -23.90 19.54
CA ALA A 282 2.96 -23.24 18.50
C ALA A 282 4.45 -23.34 18.72
N ASP A 283 5.22 -23.35 17.64
CA ASP A 283 6.64 -23.18 17.76
C ASP A 283 6.84 -21.74 18.26
N LEU A 284 7.24 -21.61 19.53
CA LEU A 284 7.19 -20.31 20.24
C LEU A 284 8.13 -19.23 19.71
N ASP A 285 9.38 -19.61 19.50
CA ASP A 285 10.34 -18.69 18.96
C ASP A 285 9.98 -18.19 17.56
N ASN A 286 9.50 -19.07 16.69
CA ASN A 286 9.04 -18.63 15.35
C ASN A 286 7.87 -17.63 15.47
N ALA A 287 6.93 -17.92 16.34
CA ALA A 287 5.82 -17.04 16.57
C ALA A 287 6.30 -15.66 17.10
N VAL A 288 7.20 -15.69 18.09
CA VAL A 288 7.67 -14.40 18.67
C VAL A 288 8.33 -13.50 17.61
N GLU A 289 9.13 -14.16 16.79
CA GLU A 289 9.91 -13.49 15.77
C GLU A 289 9.03 -12.83 14.71
N PHE A 290 8.09 -13.59 14.16
CA PHE A 290 7.23 -13.10 13.11
C PHE A 290 6.27 -12.05 13.64
N ALA A 291 5.76 -12.24 14.82
CA ALA A 291 4.84 -11.24 15.41
C ALA A 291 5.56 -9.93 15.75
N HIS A 292 6.78 -10.08 16.22
CA HIS A 292 7.66 -8.94 16.46
C HIS A 292 7.93 -8.11 15.18
N HIS A 293 8.48 -8.78 14.18
CA HIS A 293 8.77 -8.10 12.93
C HIS A 293 7.49 -7.62 12.33
N GLY A 294 6.42 -8.39 12.50
CA GLY A 294 5.09 -8.04 12.00
C GLY A 294 4.47 -6.74 12.48
N VAL A 295 4.80 -6.27 13.69
CA VAL A 295 4.22 -5.04 14.23
C VAL A 295 5.24 -3.86 14.10
N PHE A 296 6.52 -4.12 14.26
CA PHE A 296 7.55 -3.09 14.17
C PHE A 296 8.08 -2.74 12.78
N TYR A 297 7.79 -3.55 11.77
CA TYR A 297 8.27 -3.21 10.45
C TYR A 297 7.97 -1.77 10.06
N HIS A 298 8.98 -1.15 9.43
CA HIS A 298 8.92 0.26 9.01
C HIS A 298 8.29 1.13 10.10
N GLN A 299 8.82 1.02 11.27
CA GLN A 299 8.37 1.82 12.37
C GLN A 299 6.87 1.68 12.62
N GLY A 300 6.30 0.50 12.43
CA GLY A 300 4.88 0.34 12.72
C GLY A 300 3.97 0.85 11.66
N GLN A 301 4.51 1.29 10.53
CA GLN A 301 3.74 2.03 9.59
C GLN A 301 3.31 1.06 8.43
N CYS A 302 2.87 -0.17 8.77
CA CYS A 302 2.35 -1.13 7.81
C CYS A 302 0.88 -1.22 8.08
N CYS A 303 0.06 -1.20 7.02
CA CYS A 303 -1.34 -1.52 7.08
C CYS A 303 -1.65 -2.85 7.80
N ILE A 304 -0.79 -3.83 7.62
CA ILE A 304 -1.01 -5.13 8.21
C ILE A 304 -0.22 -5.37 9.51
N ALA A 305 0.26 -4.31 10.15
CA ALA A 305 0.93 -4.45 11.44
C ALA A 305 0.16 -5.39 12.38
N ALA A 306 0.88 -6.30 12.99
CA ALA A 306 0.31 -7.31 13.89
C ALA A 306 0.09 -6.69 15.27
N SER A 307 -0.96 -5.89 15.36
CA SER A 307 -1.10 -4.95 16.45
C SER A 307 -2.02 -5.47 17.58
N ARG A 308 -2.46 -6.72 17.45
CA ARG A 308 -3.08 -7.49 18.56
C ARG A 308 -2.57 -8.92 18.53
N ILE A 309 -1.78 -9.28 19.54
CA ILE A 309 -1.20 -10.62 19.66
C ILE A 309 -1.85 -11.24 20.89
N PHE A 310 -2.71 -12.25 20.62
CA PHE A 310 -3.38 -13.11 21.62
C PHE A 310 -2.58 -14.39 21.78
N VAL A 311 -2.08 -14.63 23.00
CA VAL A 311 -1.27 -15.78 23.29
C VAL A 311 -1.99 -16.62 24.38
N GLU A 312 -2.05 -17.92 24.16
CA GLU A 312 -2.62 -18.88 25.12
C GLU A 312 -1.89 -18.78 26.49
N GLU A 313 -2.70 -18.72 27.54
CA GLU A 313 -2.23 -18.47 28.90
C GLU A 313 -0.95 -19.19 29.24
N SER A 314 -0.85 -20.45 28.95
CA SER A 314 0.24 -21.22 29.45
C SER A 314 1.59 -20.83 28.81
N ILE A 315 1.61 -20.14 27.67
CA ILE A 315 2.87 -19.62 27.13
C ILE A 315 2.96 -18.11 27.08
N TYR A 316 1.93 -17.45 27.58
CA TYR A 316 1.83 -16.02 27.53
C TYR A 316 3.01 -15.27 28.17
N ASP A 317 3.39 -15.65 29.41
CA ASP A 317 4.52 -15.02 30.05
C ASP A 317 5.84 -15.20 29.33
N GLU A 318 6.13 -16.43 28.88
CA GLU A 318 7.34 -16.66 28.08
C GLU A 318 7.28 -15.82 26.77
N PHE A 319 6.10 -15.72 26.17
CA PHE A 319 5.93 -14.94 24.90
C PHE A 319 6.29 -13.51 25.13
N VAL A 320 5.69 -12.95 26.19
CA VAL A 320 5.90 -11.54 26.53
C VAL A 320 7.40 -11.28 26.79
N ARG A 321 8.01 -12.08 27.64
CA ARG A 321 9.41 -11.88 27.97
C ARG A 321 10.26 -11.95 26.72
N ARG A 322 10.05 -12.93 25.85
CA ARG A 322 10.83 -12.99 24.66
C ARG A 322 10.55 -11.83 23.75
N SER A 323 9.30 -11.33 23.73
CA SER A 323 8.99 -10.22 22.86
C SER A 323 9.74 -8.93 23.33
N VAL A 324 9.74 -8.71 24.64
CA VAL A 324 10.44 -7.55 25.22
C VAL A 324 11.96 -7.66 24.94
N GLU A 325 12.56 -8.83 25.13
CA GLU A 325 14.00 -8.99 24.81
C GLU A 325 14.33 -8.54 23.38
N ARG A 326 13.41 -8.78 22.45
CA ARG A 326 13.70 -8.53 21.03
C ARG A 326 13.47 -7.05 20.79
N ALA A 327 12.45 -6.46 21.42
CA ALA A 327 12.16 -5.05 21.22
C ALA A 327 13.26 -4.13 21.76
N LYS A 328 14.03 -4.66 22.71
CA LYS A 328 15.02 -3.87 23.37
C LYS A 328 16.32 -3.78 22.62
N LYS A 329 16.44 -4.51 21.52
CA LYS A 329 17.64 -4.52 20.72
C LYS A 329 17.76 -3.53 19.51
N TYR A 330 16.87 -2.55 19.38
CA TYR A 330 16.98 -1.60 18.29
C TYR A 330 17.96 -0.43 18.46
N ILE A 331 18.54 0.02 17.35
CA ILE A 331 19.33 1.29 17.26
C ILE A 331 18.56 2.28 16.43
N LEU A 332 18.20 3.40 17.06
CA LEU A 332 17.48 4.46 16.43
C LEU A 332 18.47 5.39 15.80
N GLY A 333 18.03 6.14 14.80
CA GLY A 333 18.88 7.07 14.08
C GLY A 333 18.54 7.27 12.59
N ASN A 334 19.54 7.69 11.82
CA ASN A 334 19.31 8.14 10.46
C ASN A 334 19.27 6.89 9.56
N PRO A 335 18.18 6.72 8.78
CA PRO A 335 17.96 5.47 8.03
C PRO A 335 19.04 5.13 6.98
N LEU A 336 19.88 6.11 6.64
CA LEU A 336 21.00 5.90 5.73
C LEU A 336 22.25 5.23 6.37
N THR A 337 22.39 5.33 7.68
CA THR A 337 23.61 4.81 8.32
C THR A 337 23.54 3.32 8.57
N PRO A 338 24.52 2.54 8.06
CA PRO A 338 24.46 1.06 8.27
C PRO A 338 24.33 0.68 9.77
N GLY A 339 23.67 -0.43 10.09
CA GLY A 339 23.48 -0.79 11.51
C GLY A 339 22.34 -0.05 12.24
N VAL A 340 21.86 1.09 11.73
CA VAL A 340 20.63 1.71 12.22
C VAL A 340 19.41 0.85 11.88
N THR A 341 18.59 0.48 12.87
CA THR A 341 17.51 -0.49 12.71
C THR A 341 16.14 0.07 13.05
N GLN A 342 16.07 1.36 13.34
CA GLN A 342 14.80 2.03 13.38
C GLN A 342 14.96 3.49 13.05
N GLY A 343 14.22 3.90 12.01
CA GLY A 343 14.11 5.30 11.60
C GLY A 343 13.03 6.07 12.30
N PRO A 344 12.74 7.26 11.81
CA PRO A 344 11.66 8.04 12.38
C PRO A 344 10.29 7.66 11.83
N GLN A 345 9.29 8.20 12.47
CA GLN A 345 7.98 8.25 11.90
C GLN A 345 7.92 9.29 10.80
N ILE A 346 6.89 9.24 9.97
CA ILE A 346 6.88 10.10 8.78
C ILE A 346 6.78 11.62 9.02
N ASP A 347 5.95 12.05 9.98
CA ASP A 347 5.67 13.44 10.17
C ASP A 347 5.08 13.73 11.55
N LYS A 348 4.79 15.01 11.82
CA LYS A 348 4.36 15.48 13.15
C LYS A 348 3.05 14.87 13.55
N GLU A 349 2.09 14.87 12.61
CA GLU A 349 0.76 14.29 12.83
C GLU A 349 0.86 12.83 13.36
N GLN A 350 1.60 11.97 12.67
CA GLN A 350 1.73 10.56 13.09
C GLN A 350 2.45 10.53 14.41
N TYR A 351 3.48 11.38 14.60
CA TYR A 351 4.22 11.38 15.85
C TYR A 351 3.27 11.70 16.99
N ASP A 352 2.38 12.65 16.81
CA ASP A 352 1.55 13.09 17.91
C ASP A 352 0.58 11.96 18.26
N LYS A 353 -0.05 11.40 17.22
CA LYS A 353 -1.02 10.32 17.36
C LYS A 353 -0.45 9.15 18.10
N ILE A 354 0.78 8.80 17.82
CA ILE A 354 1.44 7.64 18.43
C ILE A 354 1.72 7.89 19.94
N LEU A 355 2.30 9.06 20.25
CA LEU A 355 2.55 9.43 21.66
C LEU A 355 1.25 9.50 22.45
N ASP A 356 0.23 10.12 21.87
CA ASP A 356 -1.08 10.20 22.50
C ASP A 356 -1.70 8.82 22.77
N LEU A 357 -1.57 7.88 21.81
CA LEU A 357 -2.07 6.52 22.04
C LEU A 357 -1.26 5.73 23.08
N ILE A 358 0.05 5.93 23.09
CA ILE A 358 0.88 5.36 24.13
C ILE A 358 0.43 5.86 25.51
N GLU A 359 0.13 7.15 25.61
CA GLU A 359 -0.36 7.71 26.88
C GLU A 359 -1.65 7.06 27.27
N SER A 360 -2.56 6.88 26.32
CA SER A 360 -3.81 6.19 26.63
C SER A 360 -3.59 4.79 27.21
N GLY A 361 -2.55 4.12 26.76
CA GLY A 361 -2.23 2.77 27.22
C GLY A 361 -1.75 2.75 28.67
N LYS A 362 -0.84 3.66 28.99
CA LYS A 362 -0.41 3.87 30.38
C LYS A 362 -1.65 4.16 31.26
N LYS A 363 -2.43 5.17 30.87
CA LYS A 363 -3.63 5.61 31.62
C LYS A 363 -4.70 4.56 31.78
N GLU A 364 -4.89 3.68 30.79
CA GLU A 364 -6.03 2.79 30.79
C GLU A 364 -5.65 1.50 31.50
N GLY A 365 -4.41 1.39 31.96
CA GLY A 365 -4.03 0.30 32.79
C GLY A 365 -3.25 -0.80 32.13
N ALA A 366 -2.74 -0.60 30.92
CA ALA A 366 -1.96 -1.62 30.26
C ALA A 366 -0.64 -1.70 30.93
N LYS A 367 0.03 -2.83 30.84
CA LYS A 367 1.35 -2.96 31.43
C LYS A 367 2.54 -2.60 30.49
N LEU A 368 3.32 -1.58 30.86
CA LEU A 368 4.41 -1.06 30.04
C LEU A 368 5.62 -1.90 30.19
N GLU A 369 6.08 -2.50 29.14
CA GLU A 369 7.18 -3.38 29.31
C GLU A 369 8.49 -2.72 28.95
N CYS A 370 8.45 -1.82 27.98
CA CYS A 370 9.63 -1.12 27.52
C CYS A 370 9.21 0.07 26.63
N GLY A 371 10.18 0.91 26.32
CA GLY A 371 9.92 2.16 25.59
C GLY A 371 8.89 3.05 26.28
N GLY A 372 8.01 3.66 25.51
CA GLY A 372 6.90 4.46 26.09
C GLY A 372 7.02 5.99 25.95
N GLY A 373 8.03 6.47 25.23
CA GLY A 373 8.12 7.91 24.93
C GLY A 373 8.99 8.22 23.73
N PRO A 374 9.28 9.50 23.51
CA PRO A 374 10.04 9.90 22.33
C PRO A 374 11.50 9.64 22.43
N TRP A 375 12.21 10.01 21.38
CA TRP A 375 13.66 9.90 21.38
C TRP A 375 14.30 10.98 20.52
N GLY A 376 15.51 11.38 20.93
CA GLY A 376 16.38 12.28 20.14
C GLY A 376 16.01 13.75 20.24
N ASN A 377 16.85 14.58 19.64
CA ASN A 377 16.65 16.03 19.56
C ASN A 377 16.02 16.52 18.28
N LYS A 378 16.11 15.72 17.22
CA LYS A 378 15.42 16.02 15.95
C LYS A 378 14.96 14.71 15.32
N GLY A 379 13.91 14.78 14.54
CA GLY A 379 13.41 13.60 13.89
C GLY A 379 12.19 13.20 14.68
N TYR A 380 11.27 12.51 14.01
CA TYR A 380 9.99 12.19 14.59
C TYR A 380 10.10 10.75 15.13
N PHE A 381 11.08 10.53 15.98
CA PHE A 381 11.40 9.23 16.55
C PHE A 381 10.57 8.90 17.80
N VAL A 382 10.24 7.61 17.91
CA VAL A 382 9.45 7.04 19.01
C VAL A 382 10.14 5.79 19.48
N GLN A 383 10.34 5.63 20.78
CA GLN A 383 11.05 4.46 21.28
C GLN A 383 10.14 3.29 20.99
N PRO A 384 10.72 2.13 20.60
CA PRO A 384 9.90 0.92 20.42
C PRO A 384 9.28 0.48 21.76
N THR A 385 7.98 0.25 21.77
CA THR A 385 7.20 0.20 22.99
C THR A 385 6.46 -1.13 22.99
N VAL A 386 6.47 -1.83 24.13
CA VAL A 386 5.67 -3.06 24.28
C VAL A 386 4.70 -2.90 25.45
N PHE A 387 3.42 -3.21 25.23
CA PHE A 387 2.40 -3.27 26.27
C PHE A 387 1.87 -4.73 26.43
N SER A 388 1.90 -5.26 27.66
CA SER A 388 1.26 -6.55 27.98
C SER A 388 -0.03 -6.35 28.83
N ASN A 389 -0.74 -7.44 29.11
CA ASN A 389 -2.06 -7.37 29.78
C ASN A 389 -3.00 -6.32 29.20
N VAL A 390 -3.00 -6.20 27.88
CA VAL A 390 -3.88 -5.26 27.23
C VAL A 390 -5.24 -5.93 27.14
N THR A 391 -6.31 -5.14 27.23
CA THR A 391 -7.67 -5.66 27.10
C THR A 391 -8.41 -4.97 25.98
N ASP A 392 -9.51 -5.56 25.60
CA ASP A 392 -10.11 -5.34 24.27
C ASP A 392 -10.76 -4.00 24.10
N GLU A 393 -11.12 -3.37 25.21
CA GLU A 393 -11.74 -2.05 25.19
C GLU A 393 -10.73 -0.87 25.30
N MET A 394 -9.44 -1.13 25.57
CA MET A 394 -8.44 -0.07 25.62
C MET A 394 -8.19 0.51 24.22
N ARG A 395 -7.90 1.82 24.14
CA ARG A 395 -7.60 2.49 22.84
C ARG A 395 -6.51 1.74 22.06
N ILE A 396 -5.44 1.28 22.72
CA ILE A 396 -4.37 0.62 22.01
C ILE A 396 -4.74 -0.77 21.42
N ALA A 397 -5.89 -1.29 21.81
CA ALA A 397 -6.43 -2.51 21.26
C ALA A 397 -7.43 -2.23 20.16
N LYS A 398 -7.99 -1.05 20.11
CA LYS A 398 -9.00 -0.74 19.15
C LYS A 398 -8.53 0.06 17.94
N GLU A 399 -7.55 0.94 18.12
CA GLU A 399 -7.28 1.95 17.08
C GLU A 399 -5.98 1.64 16.43
N GLU A 400 -5.95 1.73 15.12
CA GLU A 400 -4.64 1.59 14.42
C GLU A 400 -3.67 2.67 14.88
N ILE A 401 -2.58 2.21 15.45
CA ILE A 401 -1.58 3.10 16.02
C ILE A 401 -0.65 3.65 14.92
N PHE A 402 -0.08 2.76 14.13
CA PHE A 402 0.82 3.13 13.03
C PHE A 402 2.14 3.69 13.56
N GLY A 403 2.57 3.10 14.67
CA GLY A 403 3.81 3.46 15.33
C GLY A 403 4.38 2.18 15.87
N PRO A 404 5.58 2.20 16.47
CA PRO A 404 6.23 1.00 16.96
C PRO A 404 5.71 0.66 18.36
N VAL A 405 4.51 0.12 18.41
CA VAL A 405 3.78 -0.13 19.67
C VAL A 405 3.08 -1.51 19.58
N GLN A 406 3.55 -2.46 20.35
CA GLN A 406 3.13 -3.84 20.32
C GLN A 406 2.22 -4.12 21.52
N GLN A 407 1.03 -4.62 21.23
CA GLN A 407 0.05 -5.09 22.20
C GLN A 407 0.03 -6.59 22.37
N ILE A 408 0.14 -7.08 23.60
CA ILE A 408 0.12 -8.53 23.82
C ILE A 408 -0.91 -8.80 24.93
N MET A 409 -1.73 -9.81 24.69
CA MET A 409 -2.93 -10.15 25.46
C MET A 409 -3.05 -11.64 25.60
N LYS A 410 -3.76 -12.11 26.60
CA LYS A 410 -3.85 -13.55 26.82
C LYS A 410 -5.23 -14.08 26.49
N PHE A 411 -5.29 -15.39 26.20
CA PHE A 411 -6.54 -16.07 26.12
C PHE A 411 -6.42 -17.50 26.68
N LYS A 412 -7.55 -18.03 27.13
CA LYS A 412 -7.70 -19.39 27.50
C LYS A 412 -8.67 -20.11 26.56
N SER A 413 -9.68 -19.42 26.09
CA SER A 413 -10.70 -20.07 25.30
C SER A 413 -10.54 -19.74 23.83
N LEU A 414 -10.40 -20.80 23.05
CA LEU A 414 -10.25 -20.69 21.60
C LEU A 414 -11.45 -20.10 20.86
N ASP A 415 -12.68 -20.52 21.13
CA ASP A 415 -13.88 -19.82 20.53
C ASP A 415 -13.90 -18.37 20.98
N ASP A 416 -13.53 -18.13 22.24
CA ASP A 416 -13.55 -16.75 22.75
C ASP A 416 -12.53 -15.90 21.96
N VAL A 417 -11.34 -16.43 21.76
CA VAL A 417 -10.32 -15.60 21.14
C VAL A 417 -10.58 -15.29 19.65
N ILE A 418 -11.22 -16.20 18.91
CA ILE A 418 -11.63 -15.92 17.53
C ILE A 418 -12.69 -14.82 17.51
N LYS A 419 -13.67 -14.83 18.43
CA LYS A 419 -14.64 -13.71 18.50
C LYS A 419 -13.95 -12.37 18.78
N ARG A 420 -13.01 -12.37 19.70
CA ARG A 420 -12.24 -11.18 20.05
C ARG A 420 -11.41 -10.74 18.82
N ALA A 421 -10.80 -11.69 18.11
CA ALA A 421 -10.01 -11.31 16.97
C ALA A 421 -10.90 -10.72 15.91
N ASN A 422 -12.10 -11.30 15.73
CA ASN A 422 -13.06 -10.79 14.75
C ASN A 422 -13.83 -9.57 15.17
N ASN A 423 -13.72 -9.17 16.43
CA ASN A 423 -14.56 -8.11 16.96
C ASN A 423 -14.01 -6.74 16.75
N THR A 424 -14.06 -6.28 15.51
CA THR A 424 -13.41 -5.06 15.05
C THR A 424 -14.02 -4.79 13.71
N PHE A 425 -14.14 -3.53 13.36
CA PHE A 425 -14.57 -3.16 12.00
C PHE A 425 -13.45 -3.31 10.97
N TYR A 426 -12.23 -3.52 11.41
CA TYR A 426 -11.12 -3.80 10.53
C TYR A 426 -11.18 -5.27 10.06
N GLY A 427 -10.33 -5.61 9.11
CA GLY A 427 -10.20 -6.96 8.68
C GLY A 427 -9.23 -7.13 7.55
N LEU A 428 -8.06 -6.55 7.66
CA LEU A 428 -7.08 -6.66 6.60
C LEU A 428 -6.34 -7.97 6.61
N SER A 429 -5.90 -8.44 7.77
CA SER A 429 -5.05 -9.60 7.80
C SER A 429 -5.10 -10.19 9.18
N ALA A 430 -4.57 -11.40 9.30
CA ALA A 430 -4.44 -12.08 10.61
C ALA A 430 -3.36 -13.16 10.54
N GLY A 431 -2.92 -13.60 11.71
CA GLY A 431 -1.87 -14.60 11.85
C GLY A 431 -2.31 -15.70 12.79
N VAL A 432 -1.97 -16.94 12.46
CA VAL A 432 -2.29 -18.12 13.28
C VAL A 432 -1.06 -18.99 13.47
N PHE A 433 -0.70 -19.30 14.71
CA PHE A 433 0.53 -20.02 14.97
C PHE A 433 0.16 -21.28 15.74
N THR A 434 0.34 -22.44 15.10
CA THR A 434 -0.05 -23.71 15.69
C THR A 434 0.65 -24.80 14.93
N LYS A 435 0.80 -25.99 15.53
CA LYS A 435 1.26 -27.19 14.79
C LYS A 435 0.11 -28.11 14.42
N ASP A 436 -1.11 -27.77 14.82
CA ASP A 436 -2.31 -28.64 14.58
C ASP A 436 -2.86 -28.28 13.20
N ILE A 437 -2.84 -29.24 12.30
CA ILE A 437 -3.44 -29.14 10.95
C ILE A 437 -4.88 -28.70 10.94
N ASP A 438 -5.73 -29.38 11.68
CA ASP A 438 -7.11 -29.00 11.78
C ASP A 438 -7.34 -27.57 12.23
N LYS A 439 -6.62 -27.13 13.26
CA LYS A 439 -6.79 -25.79 13.82
C LYS A 439 -6.29 -24.77 12.79
N ALA A 440 -5.20 -25.09 12.09
CA ALA A 440 -4.68 -24.15 11.07
C ALA A 440 -5.80 -23.90 10.06
N ILE A 441 -6.45 -24.94 9.57
CA ILE A 441 -7.46 -24.75 8.53
C ILE A 441 -8.71 -24.09 9.12
N THR A 442 -9.22 -24.63 10.22
CA THR A 442 -10.48 -24.09 10.81
C THR A 442 -10.35 -22.68 11.30
N ILE A 443 -9.25 -22.35 11.96
CA ILE A 443 -9.05 -20.98 12.42
C ILE A 443 -8.95 -20.01 11.28
N SER A 444 -8.19 -20.38 10.26
CA SER A 444 -7.97 -19.48 9.15
C SER A 444 -9.27 -19.28 8.39
N SER A 445 -10.09 -20.32 8.26
CA SER A 445 -11.42 -20.15 7.69
C SER A 445 -12.31 -19.18 8.50
N ALA A 446 -12.22 -19.22 9.84
CA ALA A 446 -13.13 -18.50 10.69
C ALA A 446 -12.73 -17.03 10.85
N LEU A 447 -11.47 -16.69 10.57
CA LEU A 447 -11.04 -15.29 10.76
C LEU A 447 -11.56 -14.37 9.62
N GLN A 448 -12.13 -13.24 9.99
CA GLN A 448 -12.68 -12.32 9.01
C GLN A 448 -11.61 -11.36 8.55
N ALA A 449 -10.71 -11.90 7.74
CA ALA A 449 -9.52 -11.15 7.26
C ALA A 449 -9.11 -11.59 5.87
N GLY A 450 -8.60 -10.63 5.12
CA GLY A 450 -8.31 -10.75 3.71
C GLY A 450 -7.11 -11.62 3.43
N THR A 451 -6.05 -11.44 4.20
CA THR A 451 -4.99 -12.40 4.23
C THR A 451 -4.80 -13.01 5.64
N VAL A 452 -4.72 -14.33 5.70
CA VAL A 452 -4.38 -15.06 6.92
C VAL A 452 -3.10 -15.83 6.71
N TRP A 453 -2.07 -15.52 7.49
CA TRP A 453 -0.81 -16.27 7.53
C TRP A 453 -0.81 -17.35 8.59
N VAL A 454 -0.24 -18.52 8.28
CA VAL A 454 -0.13 -19.62 9.25
C VAL A 454 1.34 -19.85 9.48
N ASN A 455 1.73 -19.66 10.72
CA ASN A 455 3.10 -19.91 11.16
C ASN A 455 4.10 -18.98 10.53
N CYS A 456 3.58 -17.88 10.04
CA CYS A 456 4.37 -16.77 9.52
C CYS A 456 3.52 -15.52 9.60
N TYR A 457 4.05 -14.40 9.09
CA TYR A 457 3.37 -13.12 9.17
C TYR A 457 4.02 -12.18 8.16
N GLY A 458 3.23 -11.33 7.55
CA GLY A 458 3.80 -10.24 6.73
C GLY A 458 4.32 -10.68 5.35
N VAL A 459 3.90 -11.84 4.88
CA VAL A 459 4.38 -12.38 3.60
C VAL A 459 3.46 -11.91 2.49
N VAL A 460 3.97 -11.01 1.68
CA VAL A 460 3.20 -10.39 0.65
C VAL A 460 3.92 -10.59 -0.65
N SER A 461 3.21 -11.04 -1.68
CA SER A 461 3.87 -11.40 -2.96
C SER A 461 2.95 -10.94 -4.08
N ALA A 462 3.56 -10.63 -5.21
CA ALA A 462 2.85 -10.18 -6.37
C ALA A 462 1.78 -11.18 -6.88
N GLN A 463 1.99 -12.45 -6.61
CA GLN A 463 1.13 -13.51 -7.12
C GLN A 463 -0.19 -13.71 -6.38
N CYS A 464 -0.32 -13.04 -5.22
CA CYS A 464 -1.44 -13.20 -4.29
C CYS A 464 -2.34 -12.00 -4.25
N PRO A 465 -3.67 -12.20 -4.32
CA PRO A 465 -4.50 -11.03 -4.11
C PRO A 465 -4.36 -10.53 -2.64
N PHE A 466 -4.49 -9.22 -2.49
CA PHE A 466 -4.32 -8.52 -1.22
C PHE A 466 -5.38 -7.42 -1.04
N GLY A 467 -6.10 -7.47 0.10
CA GLY A 467 -7.17 -6.47 0.40
C GLY A 467 -7.94 -6.89 1.65
N GLY A 468 -8.83 -6.01 2.07
CA GLY A 468 -9.54 -6.12 3.31
C GLY A 468 -10.93 -6.70 3.27
N PHE A 469 -11.29 -7.33 4.39
CA PHE A 469 -12.68 -7.53 4.73
C PHE A 469 -13.12 -6.24 5.46
N LYS A 470 -14.41 -6.00 5.47
CA LYS A 470 -15.02 -5.02 6.30
C LYS A 470 -14.47 -3.64 6.02
N MET A 471 -14.28 -2.82 7.04
CA MET A 471 -13.82 -1.45 6.81
C MET A 471 -12.35 -1.35 6.45
N SER A 472 -11.65 -2.47 6.32
CA SER A 472 -10.25 -2.41 5.87
C SER A 472 -10.12 -2.27 4.34
N GLY A 473 -11.21 -2.33 3.64
CA GLY A 473 -11.22 -1.96 2.27
C GLY A 473 -12.16 -2.74 1.40
N ASN A 474 -12.17 -2.38 0.13
CA ASN A 474 -12.92 -3.19 -0.79
C ASN A 474 -12.10 -3.46 -2.03
N GLY A 475 -12.34 -4.61 -2.62
CA GLY A 475 -11.54 -5.01 -3.76
C GLY A 475 -10.27 -5.69 -3.37
N ARG A 476 -9.55 -6.18 -4.37
CA ARG A 476 -8.30 -6.84 -4.19
C ARG A 476 -7.27 -6.32 -5.17
N GLU A 477 -6.04 -6.27 -4.70
CA GLU A 477 -4.94 -5.85 -5.50
C GLU A 477 -4.00 -7.01 -5.75
N LEU A 478 -3.43 -7.03 -6.94
CA LEU A 478 -2.48 -8.01 -7.33
C LEU A 478 -3.09 -9.39 -7.52
N GLY A 479 -2.26 -10.39 -7.80
CA GLY A 479 -2.70 -11.71 -8.14
C GLY A 479 -3.49 -11.64 -9.43
N GLU A 480 -3.98 -12.79 -9.84
CA GLU A 480 -4.93 -12.88 -10.92
C GLU A 480 -6.15 -12.09 -10.60
N TYR A 481 -6.63 -12.24 -9.38
CA TYR A 481 -7.89 -11.60 -9.00
C TYR A 481 -7.91 -10.08 -9.02
N GLY A 482 -6.82 -9.45 -8.63
CA GLY A 482 -6.68 -8.00 -8.64
C GLY A 482 -6.91 -7.32 -9.97
N PHE A 483 -6.56 -8.00 -11.06
CA PHE A 483 -6.78 -7.47 -12.39
C PHE A 483 -8.23 -7.26 -12.69
N HIS A 484 -9.12 -7.98 -12.00
CA HIS A 484 -10.51 -7.75 -12.21
C HIS A 484 -10.95 -6.31 -11.97
N GLU A 485 -10.35 -5.62 -10.99
CA GLU A 485 -10.78 -4.28 -10.64
C GLU A 485 -10.31 -3.22 -11.67
N TYR A 486 -9.45 -3.61 -12.61
CA TYR A 486 -8.96 -2.67 -13.68
C TYR A 486 -9.51 -2.94 -15.10
N THR A 487 -10.54 -3.78 -15.17
CA THR A 487 -11.30 -4.00 -16.37
C THR A 487 -12.79 -3.73 -16.23
N GLU A 488 -13.35 -3.41 -17.37
CA GLU A 488 -14.75 -3.26 -17.56
C GLU A 488 -15.20 -4.33 -18.59
N VAL A 489 -16.13 -5.20 -18.16
CA VAL A 489 -16.63 -6.25 -19.04
C VAL A 489 -17.79 -5.80 -19.92
N LYS A 490 -17.62 -6.02 -21.22
CA LYS A 490 -18.64 -5.82 -22.20
C LYS A 490 -19.02 -7.13 -22.85
N THR A 491 -20.32 -7.38 -22.92
CA THR A 491 -20.88 -8.49 -23.57
C THR A 491 -21.32 -8.07 -24.96
N VAL A 492 -20.87 -8.80 -25.95
CA VAL A 492 -21.35 -8.61 -27.32
C VAL A 492 -22.14 -9.84 -27.75
N THR A 493 -23.38 -9.63 -28.16
CA THR A 493 -24.27 -10.70 -28.57
C THR A 493 -24.74 -10.49 -30.02
N VAL A 494 -24.42 -11.45 -30.88
CA VAL A 494 -24.56 -11.31 -32.33
C VAL A 494 -25.59 -12.30 -32.80
N LYS A 495 -26.56 -11.83 -33.54
CA LYS A 495 -27.60 -12.71 -34.06
C LYS A 495 -27.05 -13.56 -35.18
N ILE A 496 -27.37 -14.84 -35.12
CA ILE A 496 -26.91 -15.72 -36.14
C ILE A 496 -28.06 -16.62 -36.62
N SER A 497 -27.91 -17.14 -37.84
CA SER A 497 -28.97 -17.98 -38.37
C SER A 497 -29.16 -19.28 -37.57
N GLN A 498 -28.07 -19.94 -37.20
CA GLN A 498 -28.15 -21.19 -36.47
C GLN A 498 -26.87 -21.40 -35.74
N LYS A 499 -26.98 -21.66 -34.44
CA LYS A 499 -25.79 -21.98 -33.65
C LYS A 499 -25.55 -23.49 -33.59
N ASN A 500 -24.30 -23.88 -33.38
CA ASN A 500 -23.93 -25.24 -33.08
C ASN A 500 -22.91 -25.26 -31.96
N SER A 501 -22.98 -26.28 -31.12
CA SER A 501 -22.11 -26.38 -29.96
C SER A 501 -20.60 -26.47 -30.35
O K9P B . 7.52 -7.16 4.44
C5 K9P B . 6.73 -6.85 5.27
C4 K9P B . 6.85 -7.46 6.63
C3 K9P B . 8.20 -8.00 6.96
C2 K9P B . 8.15 -8.37 8.42
C1 K9P B . 7.65 -9.78 8.55
C K9P B . 6.96 -10.16 9.82
N K9P B . 5.72 -6.06 5.07
C10 K9P B . 5.30 -5.65 3.82
C11 K9P B . 5.82 -6.02 2.59
C12 K9P B . 5.20 -5.51 1.45
O1 K9P B . 5.68 -5.84 0.22
C13 K9P B . 4.11 -4.66 1.57
C18 K9P B . 3.63 -4.33 2.80
C9 K9P B . 4.24 -4.84 3.91
C7 K9P B . 3.88 -4.61 5.31
C8 K9P B . 4.06 -3.18 5.72
C6 K9P B . 4.82 -5.55 6.06
C17 K9P B . 2.54 -3.51 2.92
C16 K9P B . 1.94 -2.99 1.79
C15 K9P B . 2.43 -3.33 0.56
C14 K9P B . 3.51 -4.16 0.45
YB YB C . 12.05 -22.48 16.27
O3 TXE D . -3.53 9.55 5.94
PA TXE D . -4.50 10.05 4.81
PN TXE D . -2.74 10.47 6.96
C1B TXE D . -3.80 5.60 8.21
C2B TXE D . -2.86 5.53 9.42
C3B TXE D . -2.55 7.00 9.75
C4B TXE D . -3.83 7.66 9.36
C5B TXE D . -3.63 9.14 9.02
O2B TXE D . -3.51 4.94 10.52
O3B TXE D . -2.24 7.25 11.13
O4B TXE D . -4.36 6.89 8.26
O5B TXE D . -2.56 9.33 8.09
C1' TXE D . -4.61 11.80 0.54
N1A TXE D . -9.35 13.37 -0.52
N1N TXE D . -2.98 5.26 7.04
O1N TXE D . -3.68 11.74 7.36
O1P TXE D . -5.58 9.01 4.47
C2' TXE D . -3.28 12.40 0.96
O2' TXE D . -2.99 13.65 0.34
C2A TXE D . -8.51 12.63 -1.24
C2N TXE D . -3.04 4.01 6.49
O2N TXE D . -1.44 10.48 6.32
O2P TXE D . -5.12 11.38 4.78
C3' TXE D . -2.35 11.23 0.61
O3' TXE D . -2.04 11.05 -0.80
N3A TXE D . -7.28 12.30 -0.83
C3N TXE D . -2.20 3.67 5.46
C4' TXE D . -3.17 10.13 1.25
O4' TXE D . -4.56 10.39 0.92
C4A TXE D . -6.85 12.73 0.37
C4N TXE D . -1.29 4.60 4.97
C5' TXE D . -2.86 10.48 2.73
O5' TXE D . -3.56 9.71 3.58
C5A TXE D . -7.70 13.58 1.22
C5N TXE D . -1.29 5.89 5.52
C6A TXE D . -9.00 13.89 0.69
N6A TXE D . -9.83 14.67 1.41
C6N TXE D . -2.11 6.17 6.56
N7A TXE D . -7.01 13.88 2.34
C7N TXE D . -2.34 2.35 4.84
N7N TXE D . -1.24 1.78 4.46
O7N TXE D . -3.51 1.86 4.69
C8A TXE D . -5.82 13.23 2.25
N9A TXE D . -5.73 12.57 1.06
YB YB E . 11.32 18.38 18.54
YB YB F . -5.30 12.84 6.88
#